data_4G63
#
_entry.id   4G63
#
_cell.length_a   154.089
_cell.length_b   154.089
_cell.length_c   191.232
_cell.angle_alpha   90.00
_cell.angle_beta   90.00
_cell.angle_gamma   90.00
#
_symmetry.space_group_name_H-M   'I 41 2 2'
#
loop_
_entity.id
_entity.type
_entity.pdbx_description
1 polymer "Cytosolic IMP-GMP specific 5'-nucleotidase"
2 non-polymer 'PHOSPHATE ION'
3 water water
#
_entity_poly.entity_id   1
_entity_poly.type   'polypeptide(L)'
_entity_poly.pdbx_seq_one_letter_code
;MDTHKVFVNRIINMRKIKLIGLDMDHTLIRYNSKNFESLVYDLVKERLAESFHYPEEIKKFKFNFDDAIRGLVIDSKNGN
ILKLSRYGAIRLSYHGTKQISFSDQKKIYRSIYVDLGDPNYMAIDTSFSIAFCILYGQLVDLKDTNPDKMPSYQAIAQDV
QYCVDKVHSDGTLKNIIIKNLKKYVIREKEVVEGLKHFIRYGKKIFILTNSEYSYSKLLLDYALSPFLDKGEHWQGLFEF
VITLANKPRFFYDNLRFLSVNPENGTMTNVHGPIVPGVYQGGNAKKFTEDLGVGGDEILYIGDHIYGDILRLKKDCNWRT
ALVVEELGEEIASQIRALPIEKKIGEAMAIKKELEQKYVDLCTRSIDESSQQYDQEIHDLQLQISTVDLQISRLLQEQNS
FYNPKWERVFRAGAEESYFAYQVDRFACIYMEKLSDLLEHSPMTYFRANRRLLAHDIDIAAALEHHHHHH
;
_entity_poly.pdbx_strand_id   A
#
# COMPACT_ATOMS: atom_id res chain seq x y z
N LYS A 5 -9.23 -6.81 -13.81
CA LYS A 5 -7.92 -7.47 -13.55
C LYS A 5 -6.80 -6.42 -13.39
N VAL A 6 -6.66 -5.56 -14.38
CA VAL A 6 -5.65 -4.51 -14.35
C VAL A 6 -6.36 -3.15 -14.35
N PHE A 7 -6.04 -2.30 -13.39
CA PHE A 7 -6.72 -1.01 -13.28
C PHE A 7 -5.89 0.17 -13.77
N VAL A 8 -6.49 0.98 -14.63
CA VAL A 8 -5.80 2.10 -15.24
C VAL A 8 -6.07 3.50 -14.71
N ASN A 9 -5.00 4.23 -14.40
CA ASN A 9 -5.11 5.60 -13.92
C ASN A 9 -4.67 6.53 -15.05
N ARG A 10 -3.63 6.13 -15.77
CA ARG A 10 -3.12 6.91 -16.88
C ARG A 10 -2.74 5.99 -18.02
N ILE A 11 -2.89 6.48 -19.24
CA ILE A 11 -2.57 5.69 -20.41
C ILE A 11 -1.11 5.22 -20.40
N ILE A 12 -0.91 3.99 -20.83
CA ILE A 12 0.42 3.40 -20.93
C ILE A 12 0.31 2.37 -22.05
N ASN A 13 1.02 2.63 -23.14
CA ASN A 13 1.01 1.75 -24.30
C ASN A 13 2.12 0.71 -24.17
N MET A 14 1.76 -0.52 -23.79
CA MET A 14 2.76 -1.57 -23.59
C MET A 14 3.57 -1.86 -24.83
N ARG A 15 3.13 -1.36 -25.98
CA ARG A 15 3.85 -1.56 -27.23
C ARG A 15 5.09 -0.65 -27.24
N LYS A 16 5.00 0.47 -26.52
CA LYS A 16 6.11 1.41 -26.46
C LYS A 16 7.13 1.07 -25.36
N ILE A 17 6.83 0.03 -24.58
CA ILE A 17 7.73 -0.37 -23.51
C ILE A 17 8.75 -1.40 -23.93
N LYS A 18 10.02 -1.07 -23.73
CA LYS A 18 11.12 -1.95 -24.10
C LYS A 18 11.70 -2.69 -22.90
N LEU A 19 11.51 -2.12 -21.71
CA LEU A 19 12.03 -2.77 -20.52
C LEU A 19 11.04 -2.67 -19.36
N ILE A 20 10.89 -3.78 -18.67
CA ILE A 20 10.01 -3.80 -17.53
C ILE A 20 10.90 -4.15 -16.35
N GLY A 21 10.93 -3.28 -15.35
CA GLY A 21 11.74 -3.51 -14.17
C GLY A 21 10.83 -4.01 -13.06
N LEU A 22 11.26 -5.01 -12.31
CA LEU A 22 10.43 -5.56 -11.26
C LEU A 22 11.11 -5.62 -9.90
N ASP A 23 10.38 -5.27 -8.87
CA ASP A 23 10.91 -5.36 -7.53
C ASP A 23 10.93 -6.90 -7.36
N MET A 24 11.98 -7.45 -6.74
CA MET A 24 12.04 -8.91 -6.56
C MET A 24 11.06 -9.35 -5.47
N ASP A 25 11.28 -8.90 -4.24
CA ASP A 25 10.41 -9.26 -3.13
C ASP A 25 9.03 -8.60 -3.21
N HIS A 26 7.99 -9.37 -2.88
CA HIS A 26 6.62 -8.89 -2.88
C HIS A 26 6.01 -8.52 -4.22
N THR A 27 6.82 -8.46 -5.28
CA THR A 27 6.30 -8.14 -6.60
C THR A 27 6.51 -9.31 -7.55
N LEU A 28 7.77 -9.70 -7.73
CA LEU A 28 8.11 -10.81 -8.61
C LEU A 28 7.92 -12.10 -7.81
N ILE A 29 8.31 -12.06 -6.54
CA ILE A 29 8.17 -13.21 -5.68
C ILE A 29 7.14 -12.92 -4.60
N ARG A 30 6.05 -13.64 -4.64
CA ARG A 30 4.99 -13.44 -3.66
C ARG A 30 5.29 -14.07 -2.31
N TYR A 31 4.85 -13.40 -1.25
CA TYR A 31 5.06 -13.88 0.11
C TYR A 31 3.72 -13.97 0.81
N ASN A 32 3.63 -14.87 1.79
CA ASN A 32 2.43 -15.03 2.59
C ASN A 32 2.48 -13.80 3.51
N SER A 33 1.80 -12.73 3.12
CA SER A 33 1.81 -11.49 3.91
C SER A 33 1.53 -11.65 5.40
N LYS A 34 0.61 -12.54 5.74
CA LYS A 34 0.27 -12.74 7.13
C LYS A 34 1.50 -13.27 7.90
N ASN A 35 2.11 -14.34 7.40
CA ASN A 35 3.30 -14.92 8.04
C ASN A 35 4.48 -13.96 8.02
N PHE A 36 4.70 -13.34 6.88
CA PHE A 36 5.81 -12.42 6.74
C PHE A 36 5.69 -11.27 7.73
N GLU A 37 4.49 -10.69 7.83
CA GLU A 37 4.30 -9.58 8.75
C GLU A 37 4.52 -10.04 10.20
N SER A 38 3.92 -11.17 10.55
CA SER A 38 4.07 -11.73 11.90
C SER A 38 5.53 -11.92 12.24
N LEU A 39 6.28 -12.50 11.31
CA LEU A 39 7.71 -12.71 11.53
C LEU A 39 8.41 -11.39 11.83
N VAL A 40 8.29 -10.40 10.94
CA VAL A 40 8.93 -9.10 11.12
C VAL A 40 8.56 -8.48 12.46
N TYR A 41 7.29 -8.63 12.85
CA TYR A 41 6.83 -8.11 14.12
C TYR A 41 7.58 -8.76 15.29
N ASP A 42 7.63 -10.10 15.31
CA ASP A 42 8.33 -10.82 16.36
C ASP A 42 9.80 -10.42 16.45
N LEU A 43 10.47 -10.33 15.31
CA LEU A 43 11.88 -9.97 15.32
C LEU A 43 12.10 -8.58 15.87
N VAL A 44 11.33 -7.61 15.37
CA VAL A 44 11.43 -6.23 15.83
C VAL A 44 11.06 -6.10 17.31
N LYS A 45 10.12 -6.90 17.77
CA LYS A 45 9.70 -6.87 19.16
C LYS A 45 10.86 -7.36 20.01
N GLU A 46 11.39 -8.50 19.61
CA GLU A 46 12.51 -9.12 20.28
C GLU A 46 13.71 -8.17 20.32
N ARG A 47 14.01 -7.56 19.18
CA ARG A 47 15.14 -6.64 19.05
C ARG A 47 15.02 -5.40 19.94
N LEU A 48 13.79 -5.01 20.26
CA LEU A 48 13.57 -3.85 21.10
C LEU A 48 14.04 -4.11 22.52
N ALA A 49 13.71 -5.29 23.04
CA ALA A 49 14.08 -5.67 24.39
C ALA A 49 15.53 -6.13 24.46
N GLU A 50 16.09 -6.53 23.34
CA GLU A 50 17.46 -7.02 23.28
C GLU A 50 18.52 -5.94 23.20
N SER A 51 18.29 -4.91 22.37
CA SER A 51 19.26 -3.84 22.20
C SER A 51 18.85 -2.49 22.77
N PHE A 52 17.56 -2.31 23.00
CA PHE A 52 17.06 -1.06 23.55
C PHE A 52 16.56 -1.22 24.97
N HIS A 53 16.60 -2.46 25.44
CA HIS A 53 16.19 -2.78 26.80
C HIS A 53 14.78 -2.30 27.12
N TYR A 54 13.86 -2.53 26.20
CA TYR A 54 12.47 -2.14 26.43
C TYR A 54 11.88 -3.11 27.46
N PRO A 55 10.83 -2.68 28.16
CA PRO A 55 10.16 -3.50 29.18
C PRO A 55 9.97 -4.96 28.75
N GLU A 56 10.12 -5.87 29.71
CA GLU A 56 9.98 -7.31 29.48
C GLU A 56 8.63 -7.71 28.88
N GLU A 57 7.57 -7.09 29.37
CA GLU A 57 6.21 -7.37 28.91
C GLU A 57 6.00 -7.50 27.39
N ILE A 58 6.62 -6.60 26.61
CA ILE A 58 6.45 -6.61 25.16
C ILE A 58 6.62 -7.98 24.51
N LYS A 59 7.56 -8.78 25.01
CA LYS A 59 7.78 -10.11 24.45
C LYS A 59 6.47 -10.89 24.50
N LYS A 60 5.59 -10.51 25.41
CA LYS A 60 4.31 -11.18 25.57
C LYS A 60 3.17 -10.58 24.74
N PHE A 61 3.48 -9.56 23.95
CA PHE A 61 2.47 -8.91 23.11
C PHE A 61 1.90 -9.87 22.04
N LYS A 62 0.58 -9.88 21.90
CA LYS A 62 -0.05 -10.74 20.91
C LYS A 62 -0.20 -9.99 19.59
N PHE A 63 0.18 -10.65 18.51
CA PHE A 63 0.09 -10.07 17.17
C PHE A 63 -1.24 -10.36 16.52
N ASN A 64 -2.00 -9.32 16.20
CA ASN A 64 -3.27 -9.49 15.51
C ASN A 64 -3.15 -8.80 14.17
N PHE A 65 -3.11 -9.58 13.11
CA PHE A 65 -2.96 -9.05 11.77
C PHE A 65 -4.01 -8.01 11.40
N ASP A 66 -5.23 -8.19 11.88
CA ASP A 66 -6.31 -7.24 11.56
C ASP A 66 -6.29 -5.97 12.39
N ASP A 67 -5.31 -5.81 13.27
CA ASP A 67 -5.26 -4.60 14.10
C ASP A 67 -4.92 -3.36 13.30
N ALA A 68 -4.45 -3.56 12.07
CA ALA A 68 -4.09 -2.46 11.19
C ALA A 68 -4.37 -2.84 9.75
N ILE A 69 -4.41 -1.83 8.89
CA ILE A 69 -4.63 -2.03 7.46
C ILE A 69 -3.57 -1.18 6.79
N ARG A 70 -3.43 -1.33 5.48
CA ARG A 70 -2.46 -0.56 4.72
C ARG A 70 -2.93 0.89 4.50
N GLY A 71 -1.97 1.81 4.36
CA GLY A 71 -2.33 3.21 4.14
C GLY A 71 -2.49 4.08 5.37
N LEU A 72 -2.20 3.56 6.55
CA LEU A 72 -2.35 4.39 7.75
C LEU A 72 -1.15 5.28 7.94
N VAL A 73 -1.36 6.38 8.66
CA VAL A 73 -0.31 7.34 8.94
C VAL A 73 -0.13 7.48 10.46
N ILE A 74 1.13 7.51 10.90
CA ILE A 74 1.38 7.67 12.32
C ILE A 74 2.12 8.98 12.61
N ASP A 75 1.66 9.71 13.62
CA ASP A 75 2.37 10.91 13.98
C ASP A 75 3.19 10.56 15.22
N SER A 76 4.49 10.45 15.01
CA SER A 76 5.43 10.09 16.05
C SER A 76 5.34 10.98 17.29
N LYS A 77 4.98 12.24 17.08
CA LYS A 77 4.86 13.20 18.17
C LYS A 77 3.84 12.81 19.25
N ASN A 78 2.63 12.47 18.83
CA ASN A 78 1.59 12.13 19.80
C ASN A 78 1.26 10.65 19.98
N GLY A 79 2.03 9.76 19.37
CA GLY A 79 1.77 8.33 19.50
C GLY A 79 0.39 7.96 18.96
N ASN A 80 -0.02 8.60 17.86
CA ASN A 80 -1.31 8.32 17.26
C ASN A 80 -1.22 7.70 15.87
N ILE A 81 -2.27 6.97 15.50
CA ILE A 81 -2.38 6.33 14.20
C ILE A 81 -3.68 6.81 13.58
N LEU A 82 -3.58 7.41 12.40
CA LEU A 82 -4.74 7.97 11.74
C LEU A 82 -5.05 7.44 10.34
N LYS A 83 -6.34 7.43 10.01
CA LYS A 83 -6.73 7.05 8.67
C LYS A 83 -7.20 8.38 8.04
N LEU A 84 -6.43 8.85 7.05
CA LEU A 84 -6.69 10.11 6.36
C LEU A 84 -7.45 9.94 5.05
N SER A 85 -8.06 11.03 4.59
CA SER A 85 -8.78 11.03 3.32
C SER A 85 -7.81 11.48 2.23
N ARG A 86 -8.30 11.64 1.02
CA ARG A 86 -7.46 12.06 -0.10
C ARG A 86 -6.81 13.42 0.15
N TYR A 87 -7.49 14.30 0.88
CA TYR A 87 -6.95 15.63 1.14
C TYR A 87 -6.38 15.83 2.56
N GLY A 88 -6.15 14.71 3.24
CA GLY A 88 -5.58 14.77 4.56
C GLY A 88 -6.50 15.02 5.73
N ALA A 89 -7.79 14.72 5.58
CA ALA A 89 -8.72 14.90 6.68
C ALA A 89 -8.74 13.62 7.49
N ILE A 90 -8.87 13.75 8.81
CA ILE A 90 -8.89 12.60 9.70
C ILE A 90 -10.25 11.92 9.73
N ARG A 91 -10.31 10.71 9.20
CA ARG A 91 -11.54 9.93 9.16
C ARG A 91 -11.74 9.22 10.50
N LEU A 92 -10.66 8.73 11.09
CA LEU A 92 -10.70 8.09 12.39
C LEU A 92 -9.28 7.98 12.96
N SER A 93 -9.18 8.02 14.28
CA SER A 93 -7.85 7.98 14.90
C SER A 93 -7.80 7.21 16.20
N TYR A 94 -6.62 6.69 16.51
CA TYR A 94 -6.41 5.94 17.74
C TYR A 94 -5.15 6.42 18.41
N HIS A 95 -5.18 6.49 19.74
CA HIS A 95 -3.99 6.84 20.50
C HIS A 95 -3.60 5.47 21.03
N GLY A 96 -2.59 4.87 20.42
CA GLY A 96 -2.19 3.54 20.80
C GLY A 96 -3.18 2.55 20.20
N THR A 97 -4.08 2.06 21.04
CA THR A 97 -5.08 1.12 20.60
C THR A 97 -6.42 1.68 20.99
N LYS A 98 -6.37 2.80 21.72
CA LYS A 98 -7.57 3.48 22.20
C LYS A 98 -8.07 4.49 21.16
N GLN A 99 -9.28 4.27 20.66
CA GLN A 99 -9.84 5.18 19.66
C GLN A 99 -9.98 6.57 20.24
N ILE A 100 -9.85 7.59 19.40
CA ILE A 100 -10.00 8.96 19.84
C ILE A 100 -11.37 9.41 19.35
N SER A 101 -12.11 10.11 20.20
CA SER A 101 -13.44 10.59 19.83
C SER A 101 -13.31 11.76 18.86
N PHE A 102 -14.28 11.89 17.96
CA PHE A 102 -14.27 12.99 16.99
C PHE A 102 -14.02 14.28 17.75
N SER A 103 -14.75 14.42 18.85
CA SER A 103 -14.64 15.59 19.72
C SER A 103 -13.16 15.84 20.03
N ASP A 104 -12.58 14.91 20.79
CA ASP A 104 -11.19 15.02 21.18
C ASP A 104 -10.19 15.04 20.03
N GLN A 105 -10.58 14.53 18.86
CA GLN A 105 -9.67 14.55 17.72
C GLN A 105 -9.44 16.01 17.34
N LYS A 106 -10.54 16.75 17.24
CA LYS A 106 -10.48 18.17 16.90
C LYS A 106 -9.78 18.98 17.99
N LYS A 107 -9.99 18.63 19.25
CA LYS A 107 -9.33 19.36 20.32
C LYS A 107 -7.81 19.11 20.21
N ILE A 108 -7.44 17.90 19.77
CA ILE A 108 -6.03 17.53 19.62
C ILE A 108 -5.34 18.17 18.42
N TYR A 109 -5.99 18.12 17.26
CA TYR A 109 -5.40 18.66 16.05
C TYR A 109 -5.83 20.08 15.65
N ARG A 110 -6.73 20.69 16.41
CA ARG A 110 -7.18 22.06 16.11
C ARG A 110 -7.68 22.17 14.68
N SER A 111 -8.13 21.05 14.13
CA SER A 111 -8.59 21.01 12.76
C SER A 111 -8.93 19.58 12.40
N ILE A 112 -9.68 19.37 11.33
CA ILE A 112 -10.00 18.01 10.93
C ILE A 112 -8.95 17.55 9.93
N TYR A 113 -8.14 18.50 9.44
CA TYR A 113 -7.08 18.20 8.49
C TYR A 113 -5.76 18.18 9.23
N VAL A 114 -4.75 17.62 8.59
CA VAL A 114 -3.41 17.57 9.16
C VAL A 114 -2.51 17.97 8.01
N ASP A 115 -1.26 18.29 8.29
CA ASP A 115 -0.32 18.68 7.24
C ASP A 115 0.84 17.69 7.17
N LEU A 116 0.81 16.81 6.18
CA LEU A 116 1.86 15.80 6.05
C LEU A 116 3.22 16.38 5.72
N GLY A 117 3.25 17.68 5.50
CA GLY A 117 4.53 18.31 5.22
C GLY A 117 5.32 18.23 6.51
N ASP A 118 4.60 18.29 7.63
CA ASP A 118 5.19 18.24 8.95
C ASP A 118 5.84 16.87 9.20
N PRO A 119 7.18 16.82 9.14
CA PRO A 119 7.93 15.59 9.36
C PRO A 119 7.61 14.79 10.63
N ASN A 120 6.86 15.38 11.58
CA ASN A 120 6.52 14.65 12.79
C ASN A 120 5.50 13.55 12.44
N TYR A 121 5.16 13.45 11.16
CA TYR A 121 4.22 12.44 10.70
C TYR A 121 4.98 11.45 9.83
N MET A 122 4.59 10.17 9.92
CA MET A 122 5.21 9.12 9.11
C MET A 122 4.10 8.74 8.12
N ALA A 123 4.24 9.17 6.88
CA ALA A 123 3.22 8.92 5.85
C ALA A 123 3.74 8.23 4.61
N ILE A 124 4.77 7.42 4.77
CA ILE A 124 5.31 6.70 3.64
C ILE A 124 4.76 5.28 3.61
N ASP A 125 4.38 4.85 2.41
CA ASP A 125 3.85 3.51 2.23
C ASP A 125 5.03 2.55 2.24
N THR A 126 5.10 1.69 3.25
CA THR A 126 6.21 0.74 3.35
C THR A 126 5.68 -0.68 3.52
N SER A 127 6.53 -1.66 3.20
CA SER A 127 6.17 -3.08 3.28
C SER A 127 6.02 -3.63 4.69
N PHE A 128 6.14 -2.76 5.69
CA PHE A 128 6.00 -3.18 7.07
C PHE A 128 4.98 -2.32 7.85
N SER A 129 4.36 -1.38 7.14
CA SER A 129 3.38 -0.48 7.73
C SER A 129 2.48 -1.16 8.75
N ILE A 130 1.83 -2.24 8.32
CA ILE A 130 0.91 -2.97 9.18
C ILE A 130 1.55 -3.44 10.50
N ALA A 131 2.63 -4.21 10.39
CA ALA A 131 3.31 -4.72 11.58
C ALA A 131 3.74 -3.57 12.48
N PHE A 132 4.30 -2.52 11.87
CA PHE A 132 4.77 -1.34 12.56
C PHE A 132 3.64 -0.59 13.27
N CYS A 133 2.44 -0.60 12.69
CA CYS A 133 1.30 0.08 13.30
C CYS A 133 0.75 -0.71 14.47
N ILE A 134 0.81 -2.03 14.37
CA ILE A 134 0.33 -2.90 15.42
C ILE A 134 1.27 -2.83 16.63
N LEU A 135 2.57 -3.07 16.37
CA LEU A 135 3.54 -3.02 17.46
C LEU A 135 3.56 -1.64 18.11
N TYR A 136 3.57 -0.59 17.31
CA TYR A 136 3.61 0.78 17.80
C TYR A 136 2.37 1.07 18.63
N GLY A 137 1.22 0.57 18.19
CA GLY A 137 0.01 0.79 18.93
C GLY A 137 0.13 0.31 20.36
N GLN A 138 0.41 -0.98 20.52
CA GLN A 138 0.56 -1.57 21.85
C GLN A 138 1.81 -1.07 22.55
N LEU A 139 2.78 -0.57 21.77
CA LEU A 139 4.01 -0.05 22.33
C LEU A 139 3.79 1.28 23.05
N VAL A 140 2.80 2.07 22.62
CA VAL A 140 2.53 3.34 23.28
C VAL A 140 1.53 3.12 24.41
N ASP A 141 0.86 1.96 24.39
CA ASP A 141 -0.07 1.62 25.46
C ASP A 141 0.77 1.31 26.70
N LEU A 142 1.91 0.67 26.48
CA LEU A 142 2.82 0.34 27.57
C LEU A 142 3.38 1.65 28.11
N LYS A 143 3.90 2.47 27.20
CA LYS A 143 4.46 3.77 27.54
C LYS A 143 3.54 4.55 28.49
N ASP A 144 2.25 4.61 28.17
CA ASP A 144 1.31 5.32 29.03
C ASP A 144 1.30 4.75 30.44
N THR A 145 1.18 3.43 30.55
CA THR A 145 1.14 2.76 31.84
C THR A 145 2.24 3.13 32.83
N ASN A 146 3.43 3.42 32.32
CA ASN A 146 4.54 3.79 33.18
C ASN A 146 5.53 4.63 32.39
N PRO A 147 5.16 5.87 32.08
CA PRO A 147 5.93 6.86 31.34
C PRO A 147 7.42 6.93 31.63
N ASP A 148 7.80 6.64 32.88
CA ASP A 148 9.19 6.69 33.31
C ASP A 148 10.10 5.61 32.75
N LYS A 149 9.51 4.46 32.39
CA LYS A 149 10.28 3.32 31.87
C LYS A 149 10.58 3.31 30.36
N MET A 150 9.66 3.83 29.55
CA MET A 150 9.86 3.85 28.11
C MET A 150 10.09 5.26 27.58
N PRO A 151 10.83 5.38 26.46
CA PRO A 151 11.14 6.67 25.85
C PRO A 151 9.86 7.37 25.39
N SER A 152 9.99 8.48 24.68
CA SER A 152 8.81 9.21 24.21
C SER A 152 8.21 8.58 22.96
N TYR A 153 6.96 8.95 22.67
CA TYR A 153 6.28 8.45 21.50
C TYR A 153 7.16 8.62 20.27
N GLN A 154 7.72 9.81 20.08
CA GLN A 154 8.58 10.03 18.92
C GLN A 154 9.88 9.23 19.04
N ALA A 155 10.32 8.95 20.26
CA ALA A 155 11.52 8.17 20.47
C ALA A 155 11.22 6.70 20.11
N ILE A 156 10.10 6.21 20.63
CA ILE A 156 9.63 4.84 20.40
C ILE A 156 9.54 4.56 18.91
N ALA A 157 8.82 5.43 18.21
CA ALA A 157 8.63 5.30 16.77
C ALA A 157 9.97 5.21 16.04
N GLN A 158 10.92 6.07 16.41
CA GLN A 158 12.22 6.05 15.74
C GLN A 158 12.95 4.75 16.07
N ASP A 159 12.74 4.22 17.27
CA ASP A 159 13.37 2.98 17.69
C ASP A 159 12.82 1.83 16.86
N VAL A 160 11.49 1.74 16.78
CA VAL A 160 10.87 0.69 15.99
C VAL A 160 11.34 0.73 14.55
N GLN A 161 11.38 1.93 13.97
CA GLN A 161 11.81 2.09 12.60
C GLN A 161 13.24 1.59 12.47
N TYR A 162 14.05 1.85 13.49
CA TYR A 162 15.44 1.41 13.48
C TYR A 162 15.53 -0.11 13.53
N CYS A 163 14.80 -0.72 14.45
CA CYS A 163 14.81 -2.17 14.53
C CYS A 163 14.33 -2.78 13.22
N VAL A 164 13.26 -2.22 12.66
CA VAL A 164 12.72 -2.71 11.39
C VAL A 164 13.76 -2.63 10.27
N ASP A 165 14.60 -1.60 10.28
CA ASP A 165 15.62 -1.47 9.25
C ASP A 165 16.83 -2.36 9.52
N LYS A 166 17.23 -2.43 10.78
CA LYS A 166 18.38 -3.23 11.17
C LYS A 166 18.14 -4.69 10.82
N VAL A 167 17.00 -5.22 11.25
CA VAL A 167 16.67 -6.62 10.99
C VAL A 167 16.66 -6.99 9.50
N HIS A 168 16.35 -6.03 8.63
CA HIS A 168 16.33 -6.26 7.19
C HIS A 168 17.72 -6.33 6.58
N SER A 169 18.67 -5.63 7.19
CA SER A 169 20.06 -5.61 6.71
C SER A 169 20.93 -6.48 7.61
N ASP A 170 20.35 -6.89 8.72
CA ASP A 170 21.00 -7.70 9.73
C ASP A 170 21.28 -9.11 9.24
N GLY A 171 20.35 -9.65 8.47
CA GLY A 171 20.45 -11.00 7.96
C GLY A 171 19.39 -11.81 8.68
N THR A 172 18.98 -11.30 9.84
CA THR A 172 17.98 -11.89 10.70
C THR A 172 16.73 -12.35 9.94
N LEU A 173 16.13 -11.43 9.20
CA LEU A 173 14.92 -11.70 8.42
C LEU A 173 15.18 -12.72 7.31
N LYS A 174 16.06 -12.36 6.38
CA LYS A 174 16.38 -13.23 5.25
C LYS A 174 16.73 -14.67 5.65
N ASN A 175 17.46 -14.84 6.76
CA ASN A 175 17.82 -16.19 7.18
C ASN A 175 16.61 -17.02 7.61
N ILE A 176 15.77 -16.47 8.48
CA ILE A 176 14.60 -17.20 8.93
C ILE A 176 13.77 -17.70 7.74
N ILE A 177 13.58 -16.84 6.74
CA ILE A 177 12.75 -17.24 5.59
C ILE A 177 13.47 -18.16 4.61
N ILE A 178 14.75 -17.92 4.40
CA ILE A 178 15.50 -18.76 3.47
C ILE A 178 15.48 -20.20 3.98
N LYS A 179 15.11 -20.40 5.24
CA LYS A 179 15.07 -21.73 5.84
C LYS A 179 13.67 -22.27 6.08
N ASN A 180 12.66 -21.52 5.64
CA ASN A 180 11.27 -21.92 5.77
C ASN A 180 10.54 -21.41 4.54
N LEU A 181 11.25 -21.41 3.42
CA LEU A 181 10.71 -20.94 2.15
C LEU A 181 9.26 -21.36 1.88
N LYS A 182 8.98 -22.64 2.04
CA LYS A 182 7.64 -23.15 1.80
C LYS A 182 6.58 -22.48 2.67
N LYS A 183 7.02 -21.87 3.76
CA LYS A 183 6.11 -21.19 4.67
C LYS A 183 5.90 -19.71 4.38
N TYR A 184 6.93 -19.05 3.85
CA TYR A 184 6.83 -17.61 3.61
C TYR A 184 6.61 -17.19 2.18
N VAL A 185 7.09 -17.97 1.23
CA VAL A 185 6.89 -17.59 -0.16
C VAL A 185 5.90 -18.48 -0.82
N ILE A 186 5.01 -17.87 -1.60
CA ILE A 186 4.00 -18.61 -2.30
C ILE A 186 4.44 -18.60 -3.78
N ARG A 187 4.73 -19.79 -4.31
CA ARG A 187 5.17 -19.93 -5.69
C ARG A 187 3.98 -19.92 -6.63
N GLU A 188 4.20 -19.39 -7.84
CA GLU A 188 3.13 -19.31 -8.82
C GLU A 188 3.71 -19.54 -10.19
N LYS A 189 3.27 -20.64 -10.80
CA LYS A 189 3.74 -21.04 -12.12
C LYS A 189 3.38 -20.01 -13.20
N GLU A 190 2.21 -19.42 -13.08
CA GLU A 190 1.76 -18.42 -14.06
C GLU A 190 2.77 -17.28 -14.25
N VAL A 191 3.52 -16.98 -13.19
CA VAL A 191 4.52 -15.91 -13.22
C VAL A 191 5.63 -16.16 -14.24
N VAL A 192 6.15 -17.37 -14.26
CA VAL A 192 7.21 -17.73 -15.20
C VAL A 192 6.67 -17.87 -16.62
N GLU A 193 5.41 -18.27 -16.72
CA GLU A 193 4.77 -18.39 -18.03
C GLU A 193 4.58 -16.99 -18.61
N GLY A 194 4.21 -16.06 -17.73
CA GLY A 194 3.99 -14.68 -18.16
C GLY A 194 5.28 -14.00 -18.57
N LEU A 195 6.33 -14.21 -17.77
CA LEU A 195 7.61 -13.60 -18.10
C LEU A 195 8.04 -14.10 -19.46
N LYS A 196 7.91 -15.41 -19.69
CA LYS A 196 8.29 -16.00 -20.97
C LYS A 196 7.39 -15.42 -22.07
N HIS A 197 6.11 -15.25 -21.76
CA HIS A 197 5.19 -14.70 -22.72
C HIS A 197 5.66 -13.30 -23.18
N PHE A 198 6.02 -12.44 -22.23
CA PHE A 198 6.50 -11.09 -22.55
C PHE A 198 7.85 -11.05 -23.24
N ILE A 199 8.78 -11.87 -22.76
CA ILE A 199 10.10 -11.93 -23.36
C ILE A 199 9.91 -12.34 -24.82
N ARG A 200 8.95 -13.23 -25.04
CA ARG A 200 8.63 -13.73 -26.37
C ARG A 200 8.20 -12.61 -27.32
N TYR A 201 7.70 -11.51 -26.77
CA TYR A 201 7.27 -10.38 -27.58
C TYR A 201 8.30 -9.26 -27.67
N GLY A 202 9.55 -9.58 -27.34
CA GLY A 202 10.62 -8.60 -27.42
C GLY A 202 10.91 -7.78 -26.19
N LYS A 203 10.13 -7.99 -25.13
CA LYS A 203 10.31 -7.26 -23.88
C LYS A 203 11.54 -7.76 -23.12
N LYS A 204 12.26 -6.82 -22.52
CA LYS A 204 13.45 -7.14 -21.73
C LYS A 204 13.06 -6.93 -20.27
N ILE A 205 13.23 -7.95 -19.43
CA ILE A 205 12.87 -7.77 -18.04
C ILE A 205 14.10 -7.71 -17.15
N PHE A 206 14.06 -6.79 -16.19
CA PHE A 206 15.17 -6.69 -15.27
C PHE A 206 14.58 -6.55 -13.90
N ILE A 207 15.31 -6.95 -12.89
CA ILE A 207 14.82 -6.83 -11.53
C ILE A 207 15.76 -5.98 -10.72
N LEU A 208 15.22 -5.26 -9.75
CA LEU A 208 16.08 -4.48 -8.87
C LEU A 208 15.50 -4.63 -7.50
N THR A 209 16.32 -5.13 -6.58
CA THR A 209 15.90 -5.39 -5.23
C THR A 209 16.86 -4.77 -4.21
N ASN A 210 16.40 -4.58 -2.98
CA ASN A 210 17.26 -4.03 -1.93
C ASN A 210 17.91 -5.21 -1.20
N SER A 211 17.88 -6.38 -1.81
CA SER A 211 18.46 -7.58 -1.22
C SER A 211 19.81 -7.93 -1.87
N GLU A 212 20.69 -8.57 -1.11
CA GLU A 212 21.98 -8.96 -1.63
C GLU A 212 21.82 -10.04 -2.68
N TYR A 213 22.81 -10.21 -3.55
CA TYR A 213 22.72 -11.20 -4.60
C TYR A 213 22.61 -12.62 -4.09
N SER A 214 23.52 -12.99 -3.18
CA SER A 214 23.54 -14.34 -2.60
C SER A 214 22.15 -14.80 -2.18
N TYR A 215 21.43 -13.94 -1.47
CA TYR A 215 20.08 -14.26 -1.02
C TYR A 215 19.09 -14.24 -2.19
N SER A 216 19.32 -13.34 -3.13
CA SER A 216 18.45 -13.23 -4.29
C SER A 216 18.51 -14.49 -5.16
N LYS A 217 19.70 -15.04 -5.34
CA LYS A 217 19.89 -16.23 -6.15
C LYS A 217 19.13 -17.40 -5.56
N LEU A 218 19.18 -17.54 -4.24
CA LEU A 218 18.49 -18.61 -3.56
C LEU A 218 16.98 -18.53 -3.73
N LEU A 219 16.47 -17.32 -3.66
CA LEU A 219 15.04 -17.08 -3.75
C LEU A 219 14.47 -17.27 -5.16
N LEU A 220 15.12 -16.69 -6.15
CA LEU A 220 14.67 -16.82 -7.53
C LEU A 220 14.75 -18.28 -7.95
N ASP A 221 15.78 -18.95 -7.48
CA ASP A 221 16.04 -20.35 -7.77
C ASP A 221 14.87 -21.21 -7.26
N TYR A 222 14.42 -20.91 -6.05
CA TYR A 222 13.32 -21.61 -5.42
C TYR A 222 11.92 -21.28 -5.98
N ALA A 223 11.73 -20.03 -6.40
CA ALA A 223 10.40 -19.64 -6.87
C ALA A 223 10.18 -19.60 -8.37
N LEU A 224 11.25 -19.75 -9.15
CA LEU A 224 11.11 -19.71 -10.59
C LEU A 224 11.59 -20.98 -11.30
N SER A 225 12.78 -21.45 -10.92
CA SER A 225 13.38 -22.63 -11.56
C SER A 225 12.46 -23.85 -11.78
N PRO A 226 11.74 -24.30 -10.73
CA PRO A 226 10.84 -25.47 -10.82
C PRO A 226 9.86 -25.45 -11.98
N PHE A 227 9.36 -24.27 -12.32
CA PHE A 227 8.40 -24.12 -13.40
C PHE A 227 9.04 -24.01 -14.77
N LEU A 228 10.35 -24.15 -14.82
CA LEU A 228 11.09 -24.06 -16.07
C LEU A 228 11.27 -25.42 -16.74
N ASP A 229 11.50 -25.43 -18.05
CA ASP A 229 11.70 -26.68 -18.78
C ASP A 229 13.15 -27.11 -18.75
N LYS A 230 13.41 -28.30 -19.32
CA LYS A 230 14.76 -28.85 -19.36
C LYS A 230 15.66 -27.94 -20.19
N GLY A 231 16.84 -27.66 -19.67
CA GLY A 231 17.78 -26.81 -20.39
C GLY A 231 17.54 -25.32 -20.18
N GLU A 232 16.53 -24.97 -19.38
CA GLU A 232 16.22 -23.57 -19.13
C GLU A 232 16.69 -23.12 -17.76
N HIS A 233 17.08 -21.85 -17.67
CA HIS A 233 17.56 -21.28 -16.42
C HIS A 233 16.91 -19.94 -16.18
N TRP A 234 16.59 -19.66 -14.91
CA TRP A 234 15.96 -18.40 -14.56
C TRP A 234 16.80 -17.18 -14.95
N GLN A 235 18.12 -17.34 -15.01
CA GLN A 235 18.99 -16.23 -15.37
C GLN A 235 18.77 -15.75 -16.79
N GLY A 236 18.20 -16.60 -17.63
CA GLY A 236 17.94 -16.20 -19.01
C GLY A 236 16.68 -15.37 -19.14
N LEU A 237 15.97 -15.26 -18.03
CA LEU A 237 14.72 -14.53 -17.97
C LEU A 237 14.95 -13.03 -17.81
N PHE A 238 16.08 -12.67 -17.20
CA PHE A 238 16.38 -11.27 -16.93
C PHE A 238 17.61 -10.69 -17.60
N GLU A 239 17.40 -9.56 -18.26
CA GLU A 239 18.47 -8.83 -18.96
C GLU A 239 19.45 -8.26 -17.92
N PHE A 240 18.91 -7.75 -16.82
CA PHE A 240 19.73 -7.18 -15.75
C PHE A 240 19.12 -7.53 -14.40
N VAL A 241 19.97 -7.66 -13.40
CA VAL A 241 19.50 -7.92 -12.06
C VAL A 241 20.35 -7.03 -11.16
N ILE A 242 19.78 -5.88 -10.81
CA ILE A 242 20.45 -4.93 -9.95
C ILE A 242 20.15 -5.33 -8.52
N THR A 243 21.19 -5.58 -7.74
CA THR A 243 21.01 -5.95 -6.34
C THR A 243 21.36 -4.78 -5.42
N LEU A 244 20.85 -4.81 -4.19
CA LEU A 244 21.07 -3.74 -3.23
C LEU A 244 20.87 -2.42 -3.97
N ALA A 245 19.72 -2.34 -4.64
CA ALA A 245 19.33 -1.19 -5.43
C ALA A 245 19.32 0.09 -4.63
N ASN A 246 18.99 -0.03 -3.36
CA ASN A 246 18.91 1.10 -2.44
C ASN A 246 17.75 2.02 -2.83
N LYS A 247 16.60 1.42 -3.11
CA LYS A 247 15.39 2.16 -3.46
C LYS A 247 14.95 2.88 -2.19
N PRO A 248 14.37 4.08 -2.31
CA PRO A 248 14.05 4.87 -3.51
C PRO A 248 15.17 5.71 -4.10
N ARG A 249 16.26 5.90 -3.34
CA ARG A 249 17.35 6.73 -3.86
C ARG A 249 17.84 6.28 -5.23
N PHE A 250 17.72 4.99 -5.53
CA PHE A 250 18.13 4.47 -6.82
C PHE A 250 17.49 5.27 -7.96
N PHE A 251 16.24 5.67 -7.77
CA PHE A 251 15.51 6.40 -8.81
C PHE A 251 15.94 7.84 -9.06
N TYR A 252 16.07 8.62 -7.99
CA TYR A 252 16.42 10.02 -8.14
C TYR A 252 17.81 10.44 -7.70
N ASP A 253 18.51 9.57 -6.97
CA ASP A 253 19.85 9.91 -6.50
C ASP A 253 20.90 9.69 -7.59
N ASN A 254 22.16 9.54 -7.19
CA ASN A 254 23.23 9.34 -8.16
C ASN A 254 24.24 8.27 -7.75
N LEU A 255 23.86 7.43 -6.80
CA LEU A 255 24.76 6.39 -6.29
C LEU A 255 25.35 5.52 -7.42
N ARG A 256 26.62 5.20 -7.32
CA ARG A 256 27.30 4.41 -8.35
C ARG A 256 27.02 2.90 -8.40
N PHE A 257 27.18 2.35 -9.60
CA PHE A 257 26.99 0.93 -9.88
C PHE A 257 28.27 0.15 -9.58
N LEU A 258 28.11 -1.10 -9.20
CA LEU A 258 29.23 -1.99 -8.95
C LEU A 258 28.92 -3.24 -9.75
N SER A 259 29.84 -3.64 -10.63
CA SER A 259 29.61 -4.83 -11.42
C SER A 259 29.82 -6.04 -10.53
N VAL A 260 28.88 -6.97 -10.57
CA VAL A 260 28.94 -8.16 -9.73
C VAL A 260 29.24 -9.42 -10.53
N ASN A 261 30.30 -10.11 -10.12
CA ASN A 261 30.71 -11.36 -10.73
C ASN A 261 29.73 -12.38 -10.17
N PRO A 262 28.80 -12.87 -10.99
CA PRO A 262 27.81 -13.84 -10.54
C PRO A 262 28.37 -15.06 -9.80
N GLU A 263 29.60 -15.46 -10.11
CA GLU A 263 30.22 -16.61 -9.46
C GLU A 263 30.57 -16.33 -8.00
N ASN A 264 31.79 -15.82 -7.78
CA ASN A 264 32.31 -15.54 -6.45
C ASN A 264 31.62 -14.41 -5.68
N GLY A 265 30.83 -13.59 -6.36
CA GLY A 265 30.13 -12.51 -5.69
C GLY A 265 30.91 -11.22 -5.53
N THR A 266 32.18 -11.22 -5.94
CA THR A 266 33.02 -10.04 -5.84
C THR A 266 32.61 -9.00 -6.87
N MET A 267 32.94 -7.73 -6.59
CA MET A 267 32.57 -6.65 -7.48
C MET A 267 33.77 -5.79 -7.89
N THR A 268 33.56 -4.99 -8.92
CA THR A 268 34.57 -4.07 -9.44
C THR A 268 33.79 -2.81 -9.77
N ASN A 269 34.44 -1.66 -9.81
CA ASN A 269 33.73 -0.42 -10.13
C ASN A 269 33.39 -0.41 -11.61
N VAL A 270 32.31 0.27 -11.97
CA VAL A 270 31.92 0.33 -13.35
C VAL A 270 32.60 1.47 -14.10
N HIS A 271 33.15 1.15 -15.26
CA HIS A 271 33.81 2.11 -16.14
C HIS A 271 33.09 1.96 -17.48
N GLY A 272 32.44 3.01 -17.93
CA GLY A 272 31.71 2.91 -19.18
C GLY A 272 30.27 2.49 -18.95
N PRO A 273 29.53 2.22 -20.04
CA PRO A 273 28.12 1.80 -20.00
C PRO A 273 27.92 0.41 -19.44
N ILE A 274 26.83 0.21 -18.71
CA ILE A 274 26.53 -1.10 -18.13
C ILE A 274 26.00 -2.03 -19.22
N VAL A 275 26.29 -3.31 -19.05
CA VAL A 275 25.88 -4.35 -19.99
C VAL A 275 25.12 -5.48 -19.26
N PRO A 276 24.28 -6.24 -19.99
CA PRO A 276 23.52 -7.33 -19.36
C PRO A 276 24.36 -8.06 -18.34
N GLY A 277 23.85 -8.17 -17.11
CA GLY A 277 24.60 -8.84 -16.08
C GLY A 277 24.11 -8.52 -14.69
N VAL A 278 24.97 -8.74 -13.69
CA VAL A 278 24.58 -8.49 -12.32
C VAL A 278 25.32 -7.31 -11.74
N TYR A 279 24.57 -6.40 -11.14
CA TYR A 279 25.15 -5.21 -10.54
C TYR A 279 24.63 -5.03 -9.13
N GLN A 280 25.18 -4.03 -8.45
CA GLN A 280 24.80 -3.66 -7.10
C GLN A 280 24.72 -2.13 -7.10
N GLY A 281 23.84 -1.55 -6.30
CA GLY A 281 23.69 -0.09 -6.27
C GLY A 281 23.15 0.51 -7.55
N GLY A 282 23.70 1.66 -7.96
CA GLY A 282 23.26 2.27 -9.20
C GLY A 282 22.22 3.38 -9.09
N ASN A 283 21.79 3.88 -10.25
CA ASN A 283 20.80 4.94 -10.33
C ASN A 283 20.10 4.85 -11.67
N ALA A 284 18.82 5.19 -11.71
CA ALA A 284 18.02 5.12 -12.93
C ALA A 284 18.54 5.99 -14.07
N LYS A 285 19.13 7.13 -13.72
CA LYS A 285 19.68 8.07 -14.68
C LYS A 285 20.72 7.39 -15.58
N LYS A 286 21.80 6.89 -14.99
CA LYS A 286 22.87 6.22 -15.75
C LYS A 286 22.35 4.98 -16.52
N PHE A 287 21.53 4.20 -15.85
CA PHE A 287 20.93 3.00 -16.42
C PHE A 287 20.07 3.32 -17.64
N THR A 288 19.24 4.36 -17.56
CA THR A 288 18.39 4.71 -18.70
C THR A 288 19.24 5.16 -19.88
N GLU A 289 20.31 5.87 -19.56
CA GLU A 289 21.22 6.37 -20.58
C GLU A 289 21.95 5.21 -21.26
N ASP A 290 22.69 4.42 -20.48
CA ASP A 290 23.43 3.30 -21.06
C ASP A 290 22.56 2.43 -21.98
N LEU A 291 21.32 2.20 -21.59
CA LEU A 291 20.42 1.39 -22.41
C LEU A 291 19.96 2.12 -23.66
N GLY A 292 20.31 3.39 -23.76
CA GLY A 292 19.94 4.18 -24.93
C GLY A 292 18.45 4.18 -25.22
N VAL A 293 17.66 4.48 -24.20
CA VAL A 293 16.22 4.51 -24.34
C VAL A 293 15.67 5.68 -23.56
N GLY A 294 14.40 6.02 -23.82
CA GLY A 294 13.78 7.10 -23.10
C GLY A 294 13.12 6.52 -21.86
N GLY A 295 13.08 7.29 -20.79
CA GLY A 295 12.46 6.82 -19.57
C GLY A 295 11.02 6.36 -19.74
N ASP A 296 10.31 6.94 -20.70
CA ASP A 296 8.92 6.58 -20.94
C ASP A 296 8.82 5.25 -21.67
N GLU A 297 9.97 4.64 -21.92
CA GLU A 297 10.03 3.34 -22.60
C GLU A 297 10.36 2.26 -21.57
N ILE A 298 10.52 2.69 -20.34
CA ILE A 298 10.84 1.82 -19.23
C ILE A 298 9.68 1.84 -18.24
N LEU A 299 9.25 0.66 -17.83
CA LEU A 299 8.17 0.54 -16.85
C LEU A 299 8.65 -0.24 -15.62
N TYR A 300 8.51 0.38 -14.45
CA TYR A 300 8.91 -0.29 -13.21
C TYR A 300 7.66 -0.63 -12.40
N ILE A 301 7.62 -1.85 -11.89
CA ILE A 301 6.49 -2.32 -11.09
C ILE A 301 6.96 -2.65 -9.68
N GLY A 302 6.34 -2.02 -8.69
CA GLY A 302 6.72 -2.26 -7.31
C GLY A 302 5.51 -2.60 -6.47
N ASP A 303 5.74 -2.90 -5.20
CA ASP A 303 4.67 -3.25 -4.30
C ASP A 303 4.35 -2.13 -3.31
N HIS A 304 5.26 -1.19 -3.17
CA HIS A 304 5.03 -0.07 -2.27
C HIS A 304 5.61 1.22 -2.83
N ILE A 305 4.94 2.35 -2.60
CA ILE A 305 5.47 3.63 -3.11
C ILE A 305 6.88 3.80 -2.53
N TYR A 306 7.00 3.54 -1.23
CA TYR A 306 8.27 3.59 -0.50
C TYR A 306 9.14 4.82 -0.82
N GLY A 307 8.58 5.99 -0.54
CA GLY A 307 9.28 7.24 -0.78
C GLY A 307 8.28 8.35 -1.00
N ASP A 308 8.80 9.56 -1.25
CA ASP A 308 7.96 10.73 -1.50
C ASP A 308 7.52 10.68 -2.97
N ILE A 309 6.22 10.72 -3.20
CA ILE A 309 5.72 10.63 -4.56
C ILE A 309 6.16 11.72 -5.53
N LEU A 310 6.11 12.98 -5.13
CA LEU A 310 6.53 14.04 -6.07
C LEU A 310 7.98 13.91 -6.49
N ARG A 311 8.89 13.68 -5.55
CA ARG A 311 10.28 13.54 -5.95
C ARG A 311 10.48 12.32 -6.84
N LEU A 312 9.79 11.22 -6.54
CA LEU A 312 9.91 10.00 -7.32
C LEU A 312 9.41 10.17 -8.76
N LYS A 313 8.30 10.87 -8.93
CA LYS A 313 7.69 11.06 -10.25
C LYS A 313 8.31 12.15 -11.09
N LYS A 314 8.78 13.19 -10.42
CA LYS A 314 9.39 14.34 -11.07
C LYS A 314 10.86 14.08 -11.43
N ASP A 315 11.62 13.62 -10.45
CA ASP A 315 13.04 13.36 -10.61
C ASP A 315 13.42 12.04 -11.29
N CYS A 316 12.45 11.30 -11.82
CA CYS A 316 12.78 10.05 -12.49
C CYS A 316 12.33 10.00 -13.94
N ASN A 317 11.03 9.87 -14.16
CA ASN A 317 10.44 9.82 -15.51
C ASN A 317 10.09 8.46 -16.10
N TRP A 318 10.47 7.37 -15.43
CA TRP A 318 10.10 6.03 -15.85
C TRP A 318 8.60 5.86 -15.62
N ARG A 319 7.95 5.03 -16.42
CA ARG A 319 6.54 4.79 -16.17
C ARG A 319 6.55 3.91 -14.93
N THR A 320 5.62 4.15 -14.00
CA THR A 320 5.56 3.34 -12.78
C THR A 320 4.20 2.72 -12.53
N ALA A 321 4.21 1.42 -12.23
CA ALA A 321 2.99 0.67 -11.93
C ALA A 321 3.07 0.08 -10.52
N LEU A 322 1.92 -0.19 -9.94
CA LEU A 322 1.90 -0.72 -8.59
C LEU A 322 1.11 -2.05 -8.44
N VAL A 323 1.65 -2.93 -7.61
CA VAL A 323 1.02 -4.21 -7.30
C VAL A 323 0.50 -4.03 -5.86
N VAL A 324 -0.82 -4.11 -5.69
CA VAL A 324 -1.38 -3.93 -4.37
C VAL A 324 -2.10 -5.18 -3.88
N GLU A 325 -1.35 -6.01 -3.19
CA GLU A 325 -1.86 -7.27 -2.66
C GLU A 325 -3.18 -7.18 -1.87
N GLU A 326 -3.34 -6.12 -1.07
CA GLU A 326 -4.55 -5.96 -0.27
C GLU A 326 -5.78 -5.86 -1.15
N LEU A 327 -5.56 -5.57 -2.42
CA LEU A 327 -6.65 -5.44 -3.38
C LEU A 327 -7.47 -6.72 -3.46
N GLY A 328 -6.82 -7.85 -3.22
CA GLY A 328 -7.49 -9.13 -3.26
C GLY A 328 -8.74 -9.14 -2.38
N GLU A 329 -8.53 -9.03 -1.07
CA GLU A 329 -9.65 -9.02 -0.13
C GLU A 329 -10.54 -7.80 -0.24
N GLU A 330 -9.99 -6.66 -0.65
CA GLU A 330 -10.82 -5.47 -0.77
C GLU A 330 -11.93 -5.69 -1.79
N ILE A 331 -11.55 -6.16 -2.98
CA ILE A 331 -12.51 -6.43 -4.04
C ILE A 331 -13.47 -7.54 -3.60
N ALA A 332 -12.90 -8.60 -3.07
CA ALA A 332 -13.69 -9.74 -2.61
C ALA A 332 -14.77 -9.30 -1.62
N SER A 333 -14.38 -8.45 -0.68
CA SER A 333 -15.32 -7.96 0.32
C SER A 333 -16.40 -7.09 -0.30
N GLN A 334 -16.06 -6.29 -1.29
CA GLN A 334 -17.07 -5.44 -1.91
C GLN A 334 -18.09 -6.26 -2.68
N ILE A 335 -17.65 -7.36 -3.28
CA ILE A 335 -18.56 -8.20 -4.04
C ILE A 335 -19.51 -8.89 -3.07
N ARG A 336 -19.02 -9.15 -1.87
CA ARG A 336 -19.84 -9.80 -0.85
C ARG A 336 -20.88 -8.83 -0.31
N ALA A 337 -20.51 -7.56 -0.20
CA ALA A 337 -21.42 -6.56 0.35
C ALA A 337 -22.40 -6.03 -0.70
N LEU A 338 -22.29 -6.50 -1.93
CA LEU A 338 -23.19 -6.02 -2.97
C LEU A 338 -24.66 -6.02 -2.52
N PRO A 339 -25.22 -7.18 -2.12
CA PRO A 339 -26.62 -7.15 -1.70
C PRO A 339 -26.93 -6.14 -0.59
N ILE A 340 -26.02 -5.96 0.36
CA ILE A 340 -26.23 -4.99 1.43
C ILE A 340 -26.21 -3.59 0.85
N GLU A 341 -25.23 -3.35 -0.03
CA GLU A 341 -25.07 -2.06 -0.67
C GLU A 341 -26.37 -1.67 -1.36
N LYS A 342 -27.01 -2.63 -2.01
CA LYS A 342 -28.27 -2.39 -2.71
C LYS A 342 -29.42 -2.07 -1.76
N LYS A 343 -29.48 -2.78 -0.63
CA LYS A 343 -30.55 -2.53 0.34
C LYS A 343 -30.46 -1.14 0.96
N ILE A 344 -29.26 -0.57 1.04
CA ILE A 344 -29.11 0.77 1.61
C ILE A 344 -29.34 1.81 0.51
N GLY A 345 -29.00 1.45 -0.72
CA GLY A 345 -29.19 2.37 -1.82
C GLY A 345 -30.67 2.67 -2.02
N GLU A 346 -31.51 1.68 -1.75
CA GLU A 346 -32.95 1.85 -1.90
C GLU A 346 -33.52 2.49 -0.65
N ALA A 347 -32.90 2.19 0.48
CA ALA A 347 -33.36 2.77 1.76
C ALA A 347 -32.93 4.23 1.82
N MET A 348 -32.17 4.66 0.82
CA MET A 348 -31.70 6.03 0.75
C MET A 348 -32.68 6.77 -0.14
N ALA A 349 -32.98 6.15 -1.29
CA ALA A 349 -33.91 6.71 -2.26
C ALA A 349 -35.22 7.04 -1.57
N ILE A 350 -35.62 6.20 -0.63
CA ILE A 350 -36.85 6.42 0.09
C ILE A 350 -36.68 7.59 1.05
N LYS A 351 -35.56 7.61 1.77
CA LYS A 351 -35.31 8.72 2.69
C LYS A 351 -35.21 10.01 1.90
N LYS A 352 -34.84 9.90 0.63
CA LYS A 352 -34.69 11.07 -0.24
C LYS A 352 -36.04 11.68 -0.62
N GLU A 353 -36.87 10.91 -1.30
CA GLU A 353 -38.18 11.40 -1.71
C GLU A 353 -39.02 11.72 -0.48
N LEU A 354 -38.82 10.97 0.60
CA LEU A 354 -39.56 11.18 1.84
C LEU A 354 -39.10 12.47 2.52
N GLU A 355 -37.85 12.84 2.28
CA GLU A 355 -37.29 14.05 2.86
C GLU A 355 -37.62 15.23 1.96
N GLN A 356 -37.97 14.92 0.72
CA GLN A 356 -38.33 15.93 -0.27
C GLN A 356 -39.76 16.42 -0.04
N LYS A 357 -40.63 15.50 0.40
CA LYS A 357 -42.02 15.86 0.68
C LYS A 357 -42.05 16.63 2.00
N TYR A 358 -40.94 16.57 2.73
CA TYR A 358 -40.81 17.24 4.01
C TYR A 358 -40.51 18.74 3.82
N VAL A 359 -39.62 19.05 2.87
CA VAL A 359 -39.28 20.43 2.61
C VAL A 359 -40.42 21.08 1.85
N ASP A 360 -41.19 20.27 1.13
CA ASP A 360 -42.32 20.77 0.37
C ASP A 360 -43.40 21.28 1.31
N LEU A 361 -43.84 20.43 2.23
CA LEU A 361 -44.86 20.82 3.20
C LEU A 361 -44.18 21.62 4.30
N CYS A 362 -43.03 22.20 3.98
CA CYS A 362 -42.26 23.00 4.91
C CYS A 362 -42.11 24.39 4.30
N THR A 363 -41.81 24.43 3.01
CA THR A 363 -41.67 25.69 2.29
C THR A 363 -43.07 26.19 1.94
N ARG A 364 -44.01 25.93 2.84
CA ARG A 364 -45.40 26.35 2.70
C ARG A 364 -45.80 27.04 4.00
N SER A 365 -45.70 26.32 5.10
CA SER A 365 -46.04 26.86 6.41
C SER A 365 -45.28 28.17 6.65
N ILE A 366 -44.32 28.46 5.79
CA ILE A 366 -43.52 29.68 5.90
C ILE A 366 -43.04 30.13 4.52
N ASP A 367 -43.97 30.21 3.57
CA ASP A 367 -43.64 30.62 2.21
C ASP A 367 -44.93 30.97 1.47
N GLU A 368 -46.04 30.43 1.96
CA GLU A 368 -47.36 30.69 1.37
C GLU A 368 -48.39 30.86 2.49
N SER A 369 -48.27 30.03 3.51
CA SER A 369 -49.18 30.08 4.66
C SER A 369 -48.40 30.62 5.87
N SER A 370 -48.75 30.15 7.05
CA SER A 370 -48.08 30.57 8.28
C SER A 370 -48.37 29.56 9.39
N GLN A 371 -49.23 28.60 9.08
CA GLN A 371 -49.62 27.54 10.02
C GLN A 371 -50.80 26.78 9.45
N GLN A 372 -50.64 25.47 9.32
CA GLN A 372 -51.69 24.62 8.79
C GLN A 372 -51.21 23.18 8.61
N TYR A 373 -49.95 23.04 8.25
CA TYR A 373 -49.34 21.73 8.03
C TYR A 373 -48.52 21.33 9.26
N ASP A 374 -48.78 21.99 10.38
CA ASP A 374 -48.05 21.73 11.62
C ASP A 374 -47.92 20.25 11.98
N GLN A 375 -49.05 19.53 12.01
CA GLN A 375 -49.05 18.10 12.36
C GLN A 375 -48.82 17.23 11.12
N GLU A 376 -49.19 17.75 9.96
CA GLU A 376 -49.03 17.04 8.70
C GLU A 376 -47.60 16.56 8.45
N ILE A 377 -46.64 17.46 8.66
CA ILE A 377 -45.23 17.15 8.46
C ILE A 377 -44.59 16.37 9.62
N HIS A 378 -45.11 16.57 10.83
CA HIS A 378 -44.59 15.89 12.00
C HIS A 378 -44.62 14.36 11.82
N ASP A 379 -45.56 13.87 11.01
CA ASP A 379 -45.67 12.44 10.75
C ASP A 379 -44.49 12.00 9.89
N LEU A 380 -43.91 12.95 9.16
CA LEU A 380 -42.77 12.66 8.29
C LEU A 380 -41.47 12.69 9.09
N GLN A 381 -41.42 13.54 10.10
CA GLN A 381 -40.22 13.66 10.92
C GLN A 381 -39.98 12.38 11.72
N LEU A 382 -41.06 11.64 11.98
CA LEU A 382 -40.98 10.39 12.71
C LEU A 382 -40.79 9.25 11.72
N GLN A 383 -41.41 9.37 10.56
CA GLN A 383 -41.30 8.37 9.51
C GLN A 383 -39.94 8.46 8.83
N ILE A 384 -39.28 9.61 8.99
CA ILE A 384 -37.97 9.83 8.39
C ILE A 384 -36.89 9.36 9.35
N SER A 385 -37.18 9.43 10.64
CA SER A 385 -36.23 8.99 11.65
C SER A 385 -36.18 7.46 11.63
N THR A 386 -37.31 6.84 11.29
CA THR A 386 -37.40 5.38 11.22
C THR A 386 -36.58 4.86 10.05
N VAL A 387 -36.84 5.39 8.85
CA VAL A 387 -36.11 4.95 7.66
C VAL A 387 -34.62 5.25 7.81
N ASP A 388 -34.29 6.09 8.79
CA ASP A 388 -32.91 6.45 9.05
C ASP A 388 -32.25 5.40 9.93
N LEU A 389 -32.95 5.00 10.98
CA LEU A 389 -32.44 3.99 11.91
C LEU A 389 -32.18 2.69 11.15
N GLN A 390 -33.00 2.42 10.15
CA GLN A 390 -32.84 1.21 9.34
C GLN A 390 -31.53 1.30 8.60
N ILE A 391 -31.21 2.51 8.15
CA ILE A 391 -29.98 2.75 7.41
C ILE A 391 -28.74 2.58 8.28
N SER A 392 -28.85 2.96 9.55
CA SER A 392 -27.73 2.83 10.46
C SER A 392 -27.37 1.36 10.64
N ARG A 393 -28.40 0.52 10.79
CA ARG A 393 -28.22 -0.91 10.96
C ARG A 393 -27.67 -1.55 9.68
N LEU A 394 -28.21 -1.14 8.53
CA LEU A 394 -27.76 -1.67 7.26
C LEU A 394 -26.29 -1.30 7.03
N LEU A 395 -25.85 -0.23 7.66
CA LEU A 395 -24.46 0.20 7.53
C LEU A 395 -23.58 -0.63 8.43
N GLN A 396 -24.10 -1.01 9.59
CA GLN A 396 -23.38 -1.85 10.53
C GLN A 396 -23.12 -3.17 9.82
N GLU A 397 -24.15 -3.65 9.14
CA GLU A 397 -24.07 -4.91 8.41
C GLU A 397 -23.02 -4.83 7.32
N GLN A 398 -22.91 -3.67 6.67
CA GLN A 398 -21.93 -3.51 5.61
C GLN A 398 -20.50 -3.50 6.16
N ASN A 399 -20.26 -2.75 7.24
CA ASN A 399 -18.92 -2.70 7.80
C ASN A 399 -18.40 -4.08 8.21
N SER A 400 -19.31 -4.95 8.63
CA SER A 400 -18.93 -6.30 9.06
C SER A 400 -18.21 -7.04 7.93
N PHE A 401 -18.34 -6.54 6.70
CA PHE A 401 -17.69 -7.16 5.54
C PHE A 401 -16.28 -6.63 5.31
N TYR A 402 -15.83 -5.72 6.17
CA TYR A 402 -14.51 -5.12 6.05
C TYR A 402 -13.77 -5.13 7.38
N ASN A 403 -12.55 -4.63 7.38
CA ASN A 403 -11.77 -4.57 8.61
C ASN A 403 -12.64 -3.81 9.60
N PRO A 404 -12.91 -4.43 10.76
CA PRO A 404 -13.74 -3.87 11.84
C PRO A 404 -13.20 -2.61 12.49
N LYS A 405 -11.90 -2.43 12.44
CA LYS A 405 -11.28 -1.28 13.06
C LYS A 405 -11.05 -0.09 12.14
N TRP A 406 -10.55 -0.36 10.93
CA TRP A 406 -10.23 0.71 9.99
C TRP A 406 -11.01 0.79 8.68
N GLU A 407 -11.99 -0.10 8.49
CA GLU A 407 -12.75 -0.10 7.25
C GLU A 407 -11.81 -0.37 6.07
N ARG A 408 -12.28 -0.07 4.86
CA ARG A 408 -11.54 -0.27 3.62
C ARG A 408 -10.22 0.45 3.45
N VAL A 409 -9.37 -0.10 2.59
CA VAL A 409 -8.08 0.50 2.34
C VAL A 409 -8.13 1.69 1.39
N PHE A 410 -8.97 1.63 0.34
CA PHE A 410 -9.05 2.71 -0.65
C PHE A 410 -10.10 3.77 -0.36
N ARG A 411 -10.95 3.50 0.61
CA ARG A 411 -11.99 4.44 0.99
C ARG A 411 -11.76 5.00 2.38
N ALA A 412 -12.04 6.28 2.55
CA ALA A 412 -11.91 6.96 3.83
C ALA A 412 -13.29 7.59 3.93
N GLY A 413 -14.16 7.04 4.76
CA GLY A 413 -15.49 7.59 4.79
C GLY A 413 -16.02 7.22 3.41
N ALA A 414 -16.68 8.13 2.73
CA ALA A 414 -17.23 7.85 1.40
C ALA A 414 -16.33 8.23 0.23
N GLU A 415 -15.28 9.01 0.48
CA GLU A 415 -14.39 9.44 -0.58
C GLU A 415 -13.12 8.58 -0.59
N GLU A 416 -12.25 8.79 -1.56
CA GLU A 416 -11.02 8.01 -1.61
C GLU A 416 -10.10 8.34 -0.44
N SER A 417 -9.47 7.30 0.11
CA SER A 417 -8.55 7.44 1.24
C SER A 417 -7.23 8.07 0.81
N TYR A 418 -6.42 8.43 1.79
CA TYR A 418 -5.12 9.00 1.49
C TYR A 418 -4.30 8.02 0.65
N PHE A 419 -4.44 6.72 0.91
CA PHE A 419 -3.69 5.70 0.15
C PHE A 419 -4.20 5.62 -1.28
N ALA A 420 -5.50 5.79 -1.47
CA ALA A 420 -6.08 5.75 -2.83
C ALA A 420 -5.45 6.88 -3.62
N TYR A 421 -5.28 8.01 -2.97
CA TYR A 421 -4.67 9.16 -3.61
C TYR A 421 -3.24 8.83 -4.00
N GLN A 422 -2.49 8.18 -3.13
CA GLN A 422 -1.09 7.81 -3.45
C GLN A 422 -1.01 6.87 -4.66
N VAL A 423 -1.88 5.87 -4.71
CA VAL A 423 -1.85 4.95 -5.82
C VAL A 423 -2.11 5.73 -7.11
N ASP A 424 -3.19 6.49 -7.13
CA ASP A 424 -3.59 7.29 -8.27
C ASP A 424 -2.47 8.18 -8.81
N ARG A 425 -1.77 8.87 -7.92
CA ARG A 425 -0.72 9.78 -8.33
C ARG A 425 0.56 9.06 -8.72
N PHE A 426 0.92 8.03 -7.98
CA PHE A 426 2.14 7.31 -8.28
C PHE A 426 2.05 6.28 -9.39
N ALA A 427 0.90 5.60 -9.49
CA ALA A 427 0.76 4.55 -10.50
C ALA A 427 -0.12 4.83 -11.71
N CYS A 428 0.39 4.49 -12.88
CA CYS A 428 -0.39 4.67 -14.09
C CYS A 428 -1.28 3.44 -14.19
N ILE A 429 -0.81 2.35 -13.59
CA ILE A 429 -1.51 1.09 -13.62
C ILE A 429 -1.28 0.28 -12.34
N TYR A 430 -2.33 -0.36 -11.83
CA TYR A 430 -2.21 -1.17 -10.61
C TYR A 430 -3.06 -2.43 -10.65
N MET A 431 -2.57 -3.46 -9.98
CA MET A 431 -3.23 -4.77 -9.98
C MET A 431 -2.98 -5.50 -8.67
N GLU A 432 -3.69 -6.61 -8.45
CA GLU A 432 -3.51 -7.37 -7.23
C GLU A 432 -2.11 -7.99 -7.20
N LYS A 433 -1.73 -8.63 -8.29
CA LYS A 433 -0.41 -9.27 -8.36
C LYS A 433 0.17 -9.20 -9.76
N LEU A 434 1.48 -9.41 -9.84
CA LEU A 434 2.19 -9.36 -11.12
C LEU A 434 1.58 -10.14 -12.27
N SER A 435 1.20 -11.39 -12.03
CA SER A 435 0.61 -12.23 -13.09
C SER A 435 -0.67 -11.64 -13.69
N ASP A 436 -1.37 -10.79 -12.94
CA ASP A 436 -2.58 -10.20 -13.47
C ASP A 436 -2.21 -9.39 -14.72
N LEU A 437 -1.04 -8.78 -14.68
CA LEU A 437 -0.57 -7.98 -15.81
C LEU A 437 0.01 -8.85 -16.92
N LEU A 438 0.81 -9.84 -16.55
CA LEU A 438 1.42 -10.73 -17.54
C LEU A 438 0.39 -11.56 -18.29
N GLU A 439 -0.84 -11.57 -17.78
CA GLU A 439 -1.94 -12.32 -18.37
C GLU A 439 -2.37 -11.60 -19.66
N HIS A 440 -2.15 -10.28 -19.70
CA HIS A 440 -2.52 -9.49 -20.87
C HIS A 440 -1.50 -9.61 -21.99
N SER A 441 -1.89 -9.18 -23.18
CA SER A 441 -0.99 -9.22 -24.33
C SER A 441 0.15 -8.23 -24.17
N PRO A 442 1.39 -8.68 -24.40
CA PRO A 442 2.51 -7.76 -24.26
C PRO A 442 2.40 -6.50 -25.12
N MET A 443 1.39 -6.46 -26.00
CA MET A 443 1.19 -5.28 -26.85
C MET A 443 -0.19 -4.63 -26.62
N THR A 444 -0.60 -4.60 -25.35
CA THR A 444 -1.87 -4.01 -24.93
C THR A 444 -1.76 -2.51 -24.74
N TYR A 445 -2.82 -1.79 -25.09
CA TYR A 445 -2.86 -0.34 -24.95
C TYR A 445 -3.83 -0.05 -23.80
N PHE A 446 -3.30 0.25 -22.63
CA PHE A 446 -4.14 0.53 -21.48
C PHE A 446 -4.69 1.95 -21.44
N ARG A 447 -6.01 2.05 -21.39
CA ARG A 447 -6.70 3.35 -21.36
C ARG A 447 -7.47 3.57 -20.08
N ALA A 448 -7.40 4.79 -19.55
CA ALA A 448 -8.11 5.12 -18.32
C ALA A 448 -9.50 5.64 -18.67
N ASN A 449 -10.46 5.40 -17.79
CA ASN A 449 -11.83 5.85 -17.99
C ASN A 449 -11.92 7.35 -17.79
N ARG A 450 -12.87 7.98 -18.48
CA ARG A 450 -13.08 9.43 -18.37
C ARG A 450 -13.49 9.68 -16.92
N ARG A 451 -12.79 10.56 -16.24
CA ARG A 451 -13.10 10.84 -14.83
C ARG A 451 -14.49 11.41 -14.63
N LEU A 452 -14.82 12.50 -15.33
CA LEU A 452 -16.13 13.16 -15.24
C LEU A 452 -16.35 14.05 -14.01
N LEU A 453 -16.44 15.35 -14.25
CA LEU A 453 -16.65 16.35 -13.19
C LEU A 453 -18.12 16.55 -12.84
N ALA A 454 -18.35 17.17 -11.69
CA ALA A 454 -19.70 17.40 -11.21
C ALA A 454 -20.58 18.20 -12.17
N HIS A 455 -19.98 19.05 -12.99
CA HIS A 455 -20.76 19.87 -13.91
C HIS A 455 -20.77 19.31 -15.33
N ASP A 456 -20.34 18.05 -15.49
CA ASP A 456 -20.33 17.37 -16.79
C ASP A 456 -21.65 16.64 -17.01
N ILE A 457 -22.06 16.52 -18.27
CA ILE A 457 -23.30 15.84 -18.63
C ILE A 457 -22.96 14.53 -19.35
N ASP A 458 -23.75 13.48 -19.10
CA ASP A 458 -23.49 12.17 -19.73
C ASP A 458 -23.80 12.16 -21.23
#